data_2HLS
#
_entry.id   2HLS
#
_cell.length_a   90.625
_cell.length_b   101.424
_cell.length_c   128.927
_cell.angle_alpha   90.00
_cell.angle_beta   90.00
_cell.angle_gamma   90.00
#
_symmetry.space_group_name_H-M   'I 2 2 2'
#
loop_
_entity.id
_entity.type
_entity.pdbx_description
1 polymer 'protein disulfide oxidoreductase'
2 non-polymer 'CHLORIDE ION'
3 water water
#
_entity_poly.entity_id   1
_entity_poly.type   'polypeptide(L)'
_entity_poly.pdbx_seq_one_letter_code
;MARYYVLDLSEDFRRELRETLAEMVNPVEVHVFLSKSGCETCEDTLRLMKLFEEESPTRNGGKLLKLNVYYRESDSDKFS
EFKVERVPTVAFLGGEVRWTGIPAGEEIRALVEVIMRLSEDESGLEDATKEALKSLKGRVHIETIITPSCPYCPYAVLLA
HMFAYEAWKQGNPVILSEAVEAYENPDIADKYGVMSVPSIAINGYLVFVGVPYEEDFLDYVKSAAEGRLTVKGPIRAGEA
EEL
;
_entity_poly.pdbx_strand_id   A,B
#
# COMPACT_ATOMS: atom_id res chain seq x y z
N ALA A 2 9.58 22.98 -17.25
CA ALA A 2 9.51 22.68 -15.79
C ALA A 2 10.90 22.53 -15.20
N ARG A 3 11.01 22.66 -13.88
CA ARG A 3 12.28 22.55 -13.19
C ARG A 3 12.61 21.13 -12.75
N TYR A 4 11.64 20.22 -12.81
CA TYR A 4 11.86 18.86 -12.36
C TYR A 4 12.25 17.80 -13.38
N TYR A 5 12.55 18.20 -14.61
CA TYR A 5 12.97 17.24 -15.61
C TYR A 5 13.69 17.93 -16.76
N VAL A 6 14.68 17.24 -17.31
CA VAL A 6 15.46 17.76 -18.42
C VAL A 6 15.15 16.93 -19.66
N LEU A 7 14.32 17.48 -20.54
CA LEU A 7 13.90 16.81 -21.76
C LEU A 7 15.06 16.71 -22.75
N ASP A 8 15.45 15.48 -23.09
CA ASP A 8 16.55 15.26 -24.03
C ASP A 8 16.05 14.78 -25.39
N LEU A 9 16.02 15.69 -26.36
CA LEU A 9 15.56 15.39 -27.71
C LEU A 9 16.73 15.40 -28.69
N SER A 10 17.94 15.25 -28.16
CA SER A 10 19.15 15.26 -28.97
C SER A 10 19.25 14.12 -29.96
N GLU A 11 20.13 14.27 -30.95
CA GLU A 11 20.34 13.23 -31.96
C GLU A 11 20.95 12.01 -31.28
N ASP A 12 21.76 12.24 -30.26
CA ASP A 12 22.38 11.15 -29.52
C ASP A 12 21.31 10.26 -28.91
N PHE A 13 20.33 10.89 -28.26
CA PHE A 13 19.25 10.13 -27.65
C PHE A 13 18.42 9.43 -28.72
N ARG A 14 18.09 10.17 -29.77
CA ARG A 14 17.30 9.61 -30.86
C ARG A 14 17.99 8.37 -31.41
N ARG A 15 19.30 8.44 -31.57
CA ARG A 15 20.08 7.32 -32.08
C ARG A 15 19.98 6.13 -31.13
N GLU A 16 20.17 6.38 -29.85
CA GLU A 16 20.10 5.32 -28.84
C GLU A 16 18.70 4.70 -28.81
N LEU A 17 17.69 5.55 -28.85
CA LEU A 17 16.31 5.08 -28.82
C LEU A 17 15.99 4.27 -30.07
N ARG A 18 16.34 4.81 -31.23
CA ARG A 18 16.09 4.14 -32.49
C ARG A 18 16.71 2.75 -32.50
N GLU A 19 17.91 2.66 -31.96
CA GLU A 19 18.62 1.38 -31.90
C GLU A 19 17.87 0.37 -31.04
N THR A 20 17.33 0.83 -29.91
CA THR A 20 16.59 -0.07 -29.03
C THR A 20 15.28 -0.48 -29.68
N LEU A 21 14.53 0.51 -30.18
CA LEU A 21 13.25 0.23 -30.81
C LEU A 21 13.37 -0.58 -32.08
N ALA A 22 14.57 -0.62 -32.66
CA ALA A 22 14.78 -1.40 -33.88
C ALA A 22 14.46 -2.87 -33.60
N GLU A 23 14.50 -3.25 -32.33
CA GLU A 23 14.22 -4.63 -31.95
C GLU A 23 12.74 -4.90 -31.64
N MET A 24 11.89 -3.91 -31.86
CA MET A 24 10.46 -4.10 -31.61
C MET A 24 10.01 -5.24 -32.53
N VAL A 25 9.06 -6.04 -32.05
CA VAL A 25 8.55 -7.14 -32.86
C VAL A 25 7.27 -6.69 -33.51
N ASN A 26 6.21 -6.59 -32.72
CA ASN A 26 4.90 -6.16 -33.22
C ASN A 26 4.67 -4.68 -32.95
N PRO A 27 3.76 -4.05 -33.72
CA PRO A 27 3.48 -2.63 -33.53
C PRO A 27 2.84 -2.41 -32.17
N VAL A 28 2.99 -1.20 -31.64
CA VAL A 28 2.42 -0.85 -30.36
C VAL A 28 1.74 0.50 -30.51
N GLU A 29 0.52 0.61 -30.01
CA GLU A 29 -0.18 1.87 -30.08
C GLU A 29 -0.02 2.60 -28.76
N VAL A 30 0.21 3.90 -28.84
CA VAL A 30 0.33 4.71 -27.64
C VAL A 30 -0.66 5.83 -27.81
N HIS A 31 -1.37 6.14 -26.74
CA HIS A 31 -2.39 7.17 -26.76
C HIS A 31 -1.98 8.30 -25.82
N VAL A 32 -1.85 9.49 -26.39
CA VAL A 32 -1.44 10.67 -25.64
C VAL A 32 -2.58 11.66 -25.49
N PHE A 33 -2.91 11.97 -24.24
CA PHE A 33 -3.99 12.89 -23.94
C PHE A 33 -3.45 14.21 -23.45
N LEU A 34 -3.88 15.29 -24.10
CA LEU A 34 -3.42 16.62 -23.76
C LEU A 34 -4.57 17.61 -23.75
N SER A 35 -4.27 18.85 -23.37
CA SER A 35 -5.26 19.92 -23.37
C SER A 35 -4.57 21.10 -24.05
N LYS A 36 -5.31 21.84 -24.87
CA LYS A 36 -4.74 22.97 -25.58
C LYS A 36 -4.27 24.05 -24.61
N SER A 37 -4.89 24.12 -23.45
CA SER A 37 -4.53 25.11 -22.46
C SER A 37 -4.65 24.56 -21.04
N GLY A 38 -3.93 25.18 -20.10
CA GLY A 38 -3.98 24.76 -18.72
C GLY A 38 -3.08 23.56 -18.42
N CYS A 39 -2.26 23.19 -19.39
CA CYS A 39 -1.36 22.06 -19.21
C CYS A 39 0.06 22.42 -19.63
N GLU A 40 0.84 22.86 -18.66
CA GLU A 40 2.23 23.28 -18.85
C GLU A 40 3.17 22.26 -19.49
N THR A 41 3.01 20.99 -19.14
CA THR A 41 3.88 19.95 -19.65
C THR A 41 3.38 19.21 -20.90
N CYS A 42 2.16 19.52 -21.34
CA CYS A 42 1.60 18.85 -22.51
C CYS A 42 2.43 19.03 -23.77
N GLU A 43 2.90 20.25 -24.01
CA GLU A 43 3.71 20.52 -25.18
C GLU A 43 4.94 19.62 -25.16
N ASP A 44 5.62 19.55 -24.02
CA ASP A 44 6.81 18.72 -23.90
C ASP A 44 6.48 17.24 -24.09
N THR A 45 5.33 16.81 -23.58
CA THR A 45 4.93 15.42 -23.70
C THR A 45 4.77 15.06 -25.16
N LEU A 46 4.17 15.97 -25.92
CA LEU A 46 3.97 15.75 -27.34
C LEU A 46 5.32 15.67 -28.06
N ARG A 47 6.22 16.59 -27.73
CA ARG A 47 7.53 16.58 -28.35
C ARG A 47 8.20 15.25 -28.08
N LEU A 48 8.15 14.82 -26.82
CA LEU A 48 8.76 13.56 -26.43
C LEU A 48 8.16 12.37 -27.19
N MET A 49 6.84 12.29 -27.19
CA MET A 49 6.15 11.19 -27.87
C MET A 49 6.27 11.22 -29.38
N LYS A 50 6.38 12.41 -29.96
CA LYS A 50 6.53 12.54 -31.41
C LYS A 50 7.91 11.97 -31.73
N LEU A 51 8.86 12.24 -30.83
CA LEU A 51 10.22 11.74 -31.01
C LEU A 51 10.22 10.22 -30.97
N PHE A 52 9.51 9.66 -29.99
CA PHE A 52 9.43 8.21 -29.86
C PHE A 52 8.87 7.60 -31.14
N GLU A 53 7.77 8.16 -31.64
CA GLU A 53 7.16 7.67 -32.86
C GLU A 53 8.17 7.71 -34.00
N GLU A 54 8.82 8.85 -34.15
CA GLU A 54 9.80 9.03 -35.21
C GLU A 54 10.94 8.03 -35.15
N GLU A 55 11.46 7.77 -33.96
CA GLU A 55 12.57 6.84 -33.82
C GLU A 55 12.16 5.37 -33.84
N SER A 56 10.87 5.07 -33.79
CA SER A 56 10.43 3.67 -33.85
C SER A 56 10.67 3.20 -35.27
N PRO A 57 10.82 1.88 -35.46
CA PRO A 57 11.05 1.34 -36.81
C PRO A 57 9.90 1.57 -37.75
N THR A 58 10.22 1.65 -39.04
CA THR A 58 9.22 1.80 -40.08
C THR A 58 9.38 0.55 -40.92
N ARG A 59 8.30 -0.22 -41.03
CA ARG A 59 8.32 -1.45 -41.81
C ARG A 59 7.10 -1.43 -42.72
N ASN A 60 7.33 -1.20 -44.00
CA ASN A 60 6.27 -1.13 -44.99
C ASN A 60 5.36 0.05 -44.71
N GLY A 61 5.97 1.23 -44.60
CA GLY A 61 5.21 2.44 -44.34
C GLY A 61 4.54 2.47 -42.98
N GLY A 62 4.68 1.40 -42.22
CA GLY A 62 4.05 1.36 -40.92
C GLY A 62 5.00 1.57 -39.74
N LYS A 63 4.84 2.71 -39.07
CA LYS A 63 5.66 3.02 -37.89
C LYS A 63 5.31 1.98 -36.83
N LEU A 64 6.31 1.34 -36.24
CA LEU A 64 6.06 0.32 -35.23
C LEU A 64 5.40 0.89 -33.98
N LEU A 65 5.66 2.17 -33.69
CA LEU A 65 5.03 2.82 -32.55
C LEU A 65 3.98 3.73 -33.14
N LYS A 66 2.71 3.35 -32.96
CA LYS A 66 1.59 4.12 -33.50
C LYS A 66 1.10 5.13 -32.49
N LEU A 67 1.42 6.40 -32.73
CA LEU A 67 1.04 7.48 -31.84
C LEU A 67 -0.33 8.09 -32.13
N ASN A 68 -1.18 8.14 -31.12
CA ASN A 68 -2.50 8.75 -31.24
C ASN A 68 -2.49 9.89 -30.24
N VAL A 69 -2.87 11.09 -30.68
CA VAL A 69 -2.90 12.24 -29.80
C VAL A 69 -4.32 12.74 -29.65
N TYR A 70 -4.74 12.97 -28.40
CA TYR A 70 -6.11 13.43 -28.15
C TYR A 70 -6.11 14.68 -27.28
N TYR A 71 -7.04 15.58 -27.57
CA TYR A 71 -7.17 16.81 -26.79
C TYR A 71 -8.53 16.82 -26.12
N ARG A 72 -8.54 17.26 -24.87
CA ARG A 72 -9.77 17.31 -24.08
C ARG A 72 -10.97 17.80 -24.87
N GLU A 73 -10.81 18.94 -25.52
CA GLU A 73 -11.87 19.53 -26.30
C GLU A 73 -12.44 18.63 -27.40
N SER A 74 -11.75 18.58 -28.54
CA SER A 74 -12.19 17.79 -29.69
C SER A 74 -12.23 16.28 -29.54
N ASP A 75 -11.61 15.73 -28.51
CA ASP A 75 -11.59 14.28 -28.32
C ASP A 75 -12.22 13.81 -27.02
N SER A 76 -13.29 14.47 -26.61
CA SER A 76 -13.99 14.13 -25.38
C SER A 76 -14.33 12.64 -25.22
N ASP A 77 -14.85 12.02 -26.28
CA ASP A 77 -15.22 10.61 -26.20
C ASP A 77 -14.01 9.72 -25.94
N LYS A 78 -12.87 10.07 -26.52
CA LYS A 78 -11.66 9.28 -26.35
C LYS A 78 -11.20 9.33 -24.90
N PHE A 79 -11.36 10.50 -24.27
CA PHE A 79 -10.97 10.66 -22.87
C PHE A 79 -11.85 9.77 -22.01
N SER A 80 -13.14 9.71 -22.35
CA SER A 80 -14.08 8.89 -21.61
C SER A 80 -13.81 7.41 -21.84
N GLU A 81 -13.52 7.06 -23.10
CA GLU A 81 -13.23 5.68 -23.47
C GLU A 81 -12.04 5.13 -22.68
N PHE A 82 -10.97 5.90 -22.63
CA PHE A 82 -9.77 5.49 -21.91
C PHE A 82 -9.80 5.92 -20.46
N LYS A 83 -10.90 6.54 -20.06
CA LYS A 83 -11.05 7.01 -18.68
C LYS A 83 -9.87 7.88 -18.27
N VAL A 84 -9.63 8.91 -19.07
CA VAL A 84 -8.54 9.84 -18.79
C VAL A 84 -9.16 11.14 -18.30
N GLU A 85 -8.76 11.55 -17.10
CA GLU A 85 -9.28 12.79 -16.51
C GLU A 85 -8.17 13.83 -16.51
N ARG A 86 -6.94 13.38 -16.29
CA ARG A 86 -5.82 14.30 -16.23
C ARG A 86 -4.89 14.28 -17.42
N VAL A 87 -4.24 15.42 -17.64
CA VAL A 87 -3.30 15.60 -18.72
C VAL A 87 -2.02 16.21 -18.17
N PRO A 88 -0.88 15.89 -18.77
CA PRO A 88 -0.79 14.99 -19.92
C PRO A 88 -0.84 13.54 -19.45
N THR A 89 -1.38 12.67 -20.30
CA THR A 89 -1.43 11.24 -19.99
C THR A 89 -0.88 10.49 -21.19
N VAL A 90 -0.01 9.52 -20.93
CA VAL A 90 0.54 8.70 -22.00
C VAL A 90 0.06 7.31 -21.63
N ALA A 91 -0.83 6.75 -22.45
CA ALA A 91 -1.38 5.45 -22.14
C ALA A 91 -1.24 4.41 -23.24
N PHE A 92 -1.29 3.15 -22.84
CA PHE A 92 -1.21 2.04 -23.76
C PHE A 92 -2.44 1.17 -23.51
N LEU A 93 -2.66 0.19 -24.40
CA LEU A 93 -3.79 -0.71 -24.25
C LEU A 93 -5.07 0.12 -24.24
N GLY A 94 -5.96 -0.19 -23.30
CA GLY A 94 -7.20 0.57 -23.20
C GLY A 94 -7.08 1.60 -22.09
N GLY A 95 -5.84 1.94 -21.75
CA GLY A 95 -5.60 2.92 -20.70
C GLY A 95 -5.17 2.24 -19.42
N GLU A 96 -5.17 0.90 -19.43
CA GLU A 96 -4.78 0.13 -18.25
C GLU A 96 -3.31 0.34 -17.86
N VAL A 97 -2.50 0.79 -18.82
CA VAL A 97 -1.09 1.07 -18.57
C VAL A 97 -0.93 2.53 -18.98
N ARG A 98 -0.52 3.38 -18.05
CA ARG A 98 -0.41 4.77 -18.39
C ARG A 98 0.48 5.55 -17.44
N TRP A 99 0.88 6.72 -17.90
CA TRP A 99 1.66 7.65 -17.12
C TRP A 99 0.72 8.84 -17.04
N THR A 100 0.43 9.30 -15.83
CA THR A 100 -0.40 10.47 -15.66
C THR A 100 0.65 11.50 -15.26
N GLY A 101 1.11 12.24 -16.26
CA GLY A 101 2.16 13.22 -16.06
C GLY A 101 3.23 12.80 -17.05
N ILE A 102 3.99 13.76 -17.55
CA ILE A 102 5.01 13.46 -18.54
C ILE A 102 6.00 12.38 -18.12
N PRO A 103 6.21 11.36 -18.96
CA PRO A 103 7.15 10.27 -18.64
C PRO A 103 8.59 10.66 -18.99
N ALA A 104 9.02 11.83 -18.53
CA ALA A 104 10.37 12.32 -18.81
C ALA A 104 11.39 11.80 -17.79
N GLY A 105 12.64 12.24 -17.96
CA GLY A 105 13.70 11.83 -17.06
C GLY A 105 13.89 10.32 -17.05
N GLU A 106 14.10 9.79 -15.86
CA GLU A 106 14.33 8.36 -15.70
C GLU A 106 13.16 7.50 -16.18
N GLU A 107 11.97 8.09 -16.26
CA GLU A 107 10.81 7.34 -16.72
C GLU A 107 10.94 6.91 -18.17
N ILE A 108 11.85 7.55 -18.91
CA ILE A 108 12.07 7.19 -20.31
C ILE A 108 12.44 5.71 -20.37
N ARG A 109 13.19 5.24 -19.38
N ARG A 109 13.18 5.24 -19.38
CA ARG A 109 13.61 3.84 -19.35
CA ARG A 109 13.61 3.85 -19.35
C ARG A 109 12.40 2.91 -19.25
C ARG A 109 12.40 2.91 -19.26
N ALA A 110 11.46 3.25 -18.39
CA ALA A 110 10.26 2.43 -18.22
C ALA A 110 9.36 2.56 -19.45
N LEU A 111 9.31 3.76 -20.03
CA LEU A 111 8.48 3.97 -21.22
C LEU A 111 9.00 3.10 -22.36
N VAL A 112 10.32 3.12 -22.55
CA VAL A 112 10.92 2.31 -23.60
C VAL A 112 10.66 0.82 -23.37
N GLU A 113 10.92 0.37 -22.14
CA GLU A 113 10.73 -1.04 -21.82
C GLU A 113 9.28 -1.50 -22.01
N VAL A 114 8.33 -0.66 -21.60
CA VAL A 114 6.92 -1.00 -21.77
C VAL A 114 6.61 -1.14 -23.26
N ILE A 115 7.14 -0.21 -24.05
CA ILE A 115 6.92 -0.28 -25.49
C ILE A 115 7.50 -1.59 -26.02
N MET A 116 8.72 -1.89 -25.60
CA MET A 116 9.38 -3.12 -26.05
C MET A 116 8.64 -4.39 -25.64
N ARG A 117 8.21 -4.47 -24.39
CA ARG A 117 7.50 -5.66 -23.93
C ARG A 117 6.14 -5.83 -24.59
N LEU A 118 5.40 -4.74 -24.77
CA LEU A 118 4.12 -4.85 -25.44
C LEU A 118 4.39 -5.31 -26.87
N SER A 119 5.48 -4.81 -27.44
CA SER A 119 5.85 -5.17 -28.81
C SER A 119 6.18 -6.65 -28.92
N GLU A 120 6.77 -7.20 -27.87
CA GLU A 120 7.18 -8.61 -27.83
C GLU A 120 6.08 -9.54 -27.32
N ASP A 121 4.89 -9.01 -27.07
N ASP A 121 4.91 -8.99 -27.05
CA ASP A 121 3.79 -9.83 -26.57
CA ASP A 121 3.77 -9.76 -26.55
C ASP A 121 4.25 -10.66 -25.38
C ASP A 121 4.22 -10.62 -25.37
N GLU A 122 5.12 -10.08 -24.56
CA GLU A 122 5.65 -10.77 -23.41
C GLU A 122 5.81 -9.80 -22.25
N SER A 123 5.06 -10.01 -21.19
CA SER A 123 5.12 -9.11 -20.03
C SER A 123 6.42 -9.35 -19.27
N GLY A 124 6.97 -10.55 -19.41
CA GLY A 124 8.20 -10.89 -18.74
C GLY A 124 7.97 -11.28 -17.29
N LEU A 125 6.71 -11.43 -16.90
CA LEU A 125 6.42 -11.80 -15.52
C LEU A 125 6.54 -13.32 -15.35
N GLU A 126 6.69 -13.77 -14.11
CA GLU A 126 6.83 -15.19 -13.83
C GLU A 126 5.55 -15.94 -14.19
N ASP A 127 5.68 -17.24 -14.47
CA ASP A 127 4.52 -18.07 -14.82
C ASP A 127 3.44 -18.00 -13.73
N ALA A 128 3.85 -18.09 -12.47
CA ALA A 128 2.91 -18.02 -11.36
C ALA A 128 2.13 -16.71 -11.39
N THR A 129 2.82 -15.63 -11.72
CA THR A 129 2.17 -14.33 -11.78
C THR A 129 1.13 -14.31 -12.91
N LYS A 130 1.55 -14.79 -14.08
CA LYS A 130 0.66 -14.81 -15.23
C LYS A 130 -0.60 -15.63 -14.93
N GLU A 131 -0.42 -16.77 -14.28
CA GLU A 131 -1.54 -17.62 -13.96
C GLU A 131 -2.50 -16.98 -12.96
N ALA A 132 -1.95 -16.25 -12.00
CA ALA A 132 -2.77 -15.57 -11.01
C ALA A 132 -3.54 -14.42 -11.64
N LEU A 133 -2.89 -13.66 -12.51
CA LEU A 133 -3.52 -12.52 -13.17
C LEU A 133 -4.66 -12.93 -14.11
N LYS A 134 -4.55 -14.11 -14.68
CA LYS A 134 -5.57 -14.61 -15.59
C LYS A 134 -6.95 -14.67 -14.93
N SER A 135 -6.98 -15.21 -13.71
CA SER A 135 -8.24 -15.38 -12.98
C SER A 135 -8.51 -14.35 -11.89
N LEU A 136 -7.57 -13.43 -11.68
CA LEU A 136 -7.73 -12.41 -10.66
C LEU A 136 -9.11 -11.75 -10.73
N LYS A 137 -9.83 -11.78 -9.61
CA LYS A 137 -11.15 -11.16 -9.55
C LYS A 137 -11.10 -9.90 -8.70
N GLY A 138 -11.88 -8.91 -9.10
CA GLY A 138 -11.90 -7.66 -8.37
C GLY A 138 -11.02 -6.63 -9.04
N ARG A 139 -11.49 -5.39 -9.09
CA ARG A 139 -10.72 -4.33 -9.72
C ARG A 139 -9.54 -3.86 -8.88
N VAL A 140 -8.45 -3.54 -9.57
CA VAL A 140 -7.22 -3.10 -8.93
C VAL A 140 -6.72 -1.84 -9.64
N HIS A 141 -6.62 -0.74 -8.90
CA HIS A 141 -6.14 0.52 -9.45
C HIS A 141 -4.81 0.81 -8.78
N ILE A 142 -3.73 0.62 -9.53
CA ILE A 142 -2.40 0.85 -9.01
C ILE A 142 -1.93 2.25 -9.36
N GLU A 143 -1.49 3.00 -8.35
CA GLU A 143 -0.96 4.34 -8.59
C GLU A 143 0.46 4.32 -8.08
N THR A 144 1.42 4.36 -8.99
CA THR A 144 2.81 4.38 -8.59
C THR A 144 3.23 5.83 -8.65
N ILE A 145 3.43 6.44 -7.48
CA ILE A 145 3.81 7.85 -7.40
C ILE A 145 5.30 7.97 -7.69
N ILE A 146 5.63 8.83 -8.66
CA ILE A 146 7.00 9.00 -9.09
C ILE A 146 7.31 10.47 -9.45
N THR A 147 8.57 10.70 -9.79
CA THR A 147 9.03 12.01 -10.27
C THR A 147 9.96 11.62 -11.40
N PRO A 148 10.19 12.53 -12.37
CA PRO A 148 11.08 12.22 -13.49
C PRO A 148 12.52 11.91 -13.09
N SER A 149 13.04 12.61 -12.09
CA SER A 149 14.42 12.42 -11.64
C SER A 149 14.66 11.15 -10.86
N CYS A 150 13.61 10.63 -10.25
CA CYS A 150 13.68 9.42 -9.45
C CYS A 150 14.31 8.23 -10.18
N PRO A 151 15.49 7.77 -9.71
CA PRO A 151 16.26 6.65 -10.27
C PRO A 151 15.63 5.26 -10.20
N TYR A 152 14.94 4.97 -9.10
CA TYR A 152 14.33 3.65 -8.93
C TYR A 152 12.87 3.54 -9.39
N CYS A 153 12.23 4.68 -9.60
CA CYS A 153 10.83 4.70 -10.04
C CYS A 153 10.56 3.84 -11.27
N PRO A 154 11.43 3.90 -12.28
CA PRO A 154 11.24 3.11 -13.50
C PRO A 154 10.96 1.64 -13.24
N TYR A 155 11.66 1.05 -12.28
CA TYR A 155 11.46 -0.36 -11.97
C TYR A 155 10.10 -0.64 -11.36
N ALA A 156 9.65 0.25 -10.48
CA ALA A 156 8.34 0.09 -9.84
C ALA A 156 7.25 0.26 -10.89
N VAL A 157 7.42 1.28 -11.73
CA VAL A 157 6.47 1.57 -12.79
C VAL A 157 6.39 0.40 -13.76
N LEU A 158 7.55 -0.12 -14.16
CA LEU A 158 7.60 -1.24 -15.10
C LEU A 158 6.83 -2.43 -14.55
N LEU A 159 7.07 -2.76 -13.28
CA LEU A 159 6.41 -3.88 -12.64
C LEU A 159 4.89 -3.75 -12.66
N ALA A 160 4.38 -2.63 -12.16
CA ALA A 160 2.95 -2.40 -12.09
C ALA A 160 2.36 -2.40 -13.50
N HIS A 161 3.06 -1.77 -14.42
CA HIS A 161 2.57 -1.72 -15.80
C HIS A 161 2.49 -3.12 -16.39
N MET A 162 3.48 -3.96 -16.10
CA MET A 162 3.48 -5.30 -16.63
C MET A 162 2.38 -6.14 -16.00
N PHE A 163 2.04 -5.84 -14.76
CA PHE A 163 0.96 -6.58 -14.11
C PHE A 163 -0.33 -6.23 -14.86
N ALA A 164 -0.54 -4.94 -15.11
CA ALA A 164 -1.72 -4.46 -15.81
C ALA A 164 -1.77 -5.05 -17.23
N TYR A 165 -0.61 -5.09 -17.88
CA TYR A 165 -0.51 -5.62 -19.24
C TYR A 165 -0.85 -7.12 -19.28
N GLU A 166 -0.21 -7.88 -18.40
CA GLU A 166 -0.41 -9.32 -18.32
C GLU A 166 -1.88 -9.67 -18.13
N ALA A 167 -2.54 -8.98 -17.19
CA ALA A 167 -3.94 -9.22 -16.92
C ALA A 167 -4.75 -8.83 -18.16
N TRP A 168 -4.43 -7.68 -18.71
CA TRP A 168 -5.11 -7.19 -19.89
C TRP A 168 -5.01 -8.12 -21.10
N LYS A 169 -3.81 -8.61 -21.38
CA LYS A 169 -3.60 -9.46 -22.55
C LYS A 169 -4.26 -10.83 -22.43
N GLN A 170 -4.61 -11.22 -21.22
CA GLN A 170 -5.27 -12.49 -21.01
C GLN A 170 -6.78 -12.33 -21.00
N GLY A 171 -7.24 -11.13 -21.35
CA GLY A 171 -8.66 -10.85 -21.39
C GLY A 171 -9.27 -10.60 -20.03
N ASN A 172 -8.44 -10.17 -19.08
CA ASN A 172 -8.92 -9.89 -17.74
C ASN A 172 -8.35 -8.55 -17.28
N PRO A 173 -8.74 -7.46 -17.95
CA PRO A 173 -8.28 -6.10 -17.67
C PRO A 173 -8.84 -5.47 -16.40
N VAL A 174 -8.65 -6.14 -15.27
CA VAL A 174 -9.14 -5.63 -14.01
C VAL A 174 -8.11 -4.73 -13.33
N ILE A 175 -6.92 -4.61 -13.92
CA ILE A 175 -5.88 -3.79 -13.33
C ILE A 175 -5.59 -2.52 -14.11
N LEU A 176 -5.60 -1.39 -13.41
CA LEU A 176 -5.27 -0.12 -14.01
C LEU A 176 -3.97 0.30 -13.33
N SER A 177 -2.88 0.32 -14.09
CA SER A 177 -1.59 0.72 -13.55
C SER A 177 -1.30 2.13 -14.05
N GLU A 178 -1.29 3.06 -13.10
CA GLU A 178 -1.06 4.45 -13.42
C GLU A 178 0.19 4.98 -12.72
N ALA A 179 1.14 5.47 -13.52
CA ALA A 179 2.37 6.05 -13.01
C ALA A 179 2.03 7.52 -12.84
N VAL A 180 1.88 7.95 -11.60
CA VAL A 180 1.50 9.32 -11.30
C VAL A 180 2.71 10.20 -11.00
N GLU A 181 2.98 11.14 -11.90
CA GLU A 181 4.10 12.04 -11.73
C GLU A 181 3.67 13.08 -10.68
N ALA A 182 4.36 13.07 -9.55
CA ALA A 182 4.04 13.92 -8.40
C ALA A 182 4.01 15.44 -8.60
N TYR A 183 4.94 16.00 -9.36
CA TYR A 183 4.95 17.45 -9.56
C TYR A 183 3.73 17.97 -10.29
N GLU A 184 3.25 17.20 -11.26
CA GLU A 184 2.08 17.59 -12.03
C GLU A 184 0.80 17.22 -11.30
N ASN A 185 0.90 16.24 -10.42
CA ASN A 185 -0.26 15.76 -9.68
C ASN A 185 0.07 15.69 -8.19
N PRO A 186 0.47 16.83 -7.60
CA PRO A 186 0.82 16.87 -6.18
C PRO A 186 -0.28 16.41 -5.24
N ASP A 187 -1.54 16.59 -5.62
CA ASP A 187 -2.65 16.16 -4.76
C ASP A 187 -2.66 14.66 -4.54
N ILE A 188 -2.33 13.89 -5.56
CA ILE A 188 -2.32 12.44 -5.43
C ILE A 188 -1.16 12.03 -4.55
N ALA A 189 -0.01 12.67 -4.74
CA ALA A 189 1.16 12.35 -3.93
C ALA A 189 0.86 12.64 -2.47
N ASP A 190 0.22 13.78 -2.19
N ASP A 190 0.21 13.79 -2.21
CA ASP A 190 -0.08 14.12 -0.81
CA ASP A 190 -0.15 14.20 -0.86
C ASP A 190 -1.26 13.34 -0.25
C ASP A 190 -1.25 13.33 -0.27
N LYS A 191 -2.10 12.81 -1.13
CA LYS A 191 -3.22 11.99 -0.69
C LYS A 191 -2.67 10.77 0.02
N TYR A 192 -1.51 10.30 -0.44
CA TYR A 192 -0.88 9.12 0.14
C TYR A 192 0.30 9.42 1.04
N GLY A 193 0.46 10.69 1.40
CA GLY A 193 1.56 11.08 2.27
C GLY A 193 2.92 10.66 1.75
N VAL A 194 3.06 10.66 0.43
CA VAL A 194 4.31 10.25 -0.18
C VAL A 194 5.47 11.14 0.24
N MET A 195 6.49 10.52 0.83
CA MET A 195 7.67 11.23 1.30
C MET A 195 8.83 10.92 0.37
N SER A 196 8.82 9.70 -0.17
CA SER A 196 9.86 9.27 -1.08
C SER A 196 9.22 8.52 -2.24
N VAL A 197 9.86 8.59 -3.40
CA VAL A 197 9.37 7.90 -4.58
C VAL A 197 10.42 6.87 -4.99
N PRO A 198 9.99 5.73 -5.56
CA PRO A 198 8.58 5.44 -5.81
C PRO A 198 7.80 4.96 -4.59
N SER A 199 6.52 5.30 -4.57
CA SER A 199 5.59 4.87 -3.54
C SER A 199 4.43 4.31 -4.34
N ILE A 200 3.83 3.23 -3.87
CA ILE A 200 2.75 2.60 -4.61
C ILE A 200 1.48 2.47 -3.82
N ALA A 201 0.39 2.96 -4.40
CA ALA A 201 -0.92 2.87 -3.77
C ALA A 201 -1.74 1.92 -4.62
N ILE A 202 -2.64 1.18 -3.98
CA ILE A 202 -3.51 0.28 -4.71
C ILE A 202 -4.90 0.44 -4.14
N ASN A 203 -5.86 0.69 -5.01
CA ASN A 203 -7.25 0.88 -4.63
C ASN A 203 -7.45 1.96 -3.57
N GLY A 204 -6.72 3.07 -3.74
CA GLY A 204 -6.86 4.19 -2.82
C GLY A 204 -6.07 4.18 -1.54
N TYR A 205 -5.13 3.24 -1.40
CA TYR A 205 -4.35 3.20 -0.17
C TYR A 205 -2.89 2.92 -0.46
N LEU A 206 -2.01 3.60 0.27
CA LEU A 206 -0.58 3.40 0.10
C LEU A 206 -0.35 1.93 0.41
N VAL A 207 0.42 1.25 -0.43
CA VAL A 207 0.71 -0.16 -0.23
C VAL A 207 2.19 -0.47 -0.09
N PHE A 208 3.04 0.30 -0.76
CA PHE A 208 4.47 0.02 -0.71
C PHE A 208 5.31 1.24 -0.98
N VAL A 209 6.44 1.32 -0.30
CA VAL A 209 7.38 2.42 -0.50
C VAL A 209 8.67 1.80 -1.04
N GLY A 210 9.01 2.15 -2.27
CA GLY A 210 10.20 1.60 -2.90
C GLY A 210 9.78 0.69 -4.02
N VAL A 211 10.69 -0.18 -4.46
CA VAL A 211 10.41 -1.12 -5.54
C VAL A 211 10.22 -2.52 -4.96
N PRO A 212 9.00 -3.06 -5.06
CA PRO A 212 8.74 -4.39 -4.50
C PRO A 212 9.19 -5.52 -5.42
N TYR A 213 9.32 -6.72 -4.85
CA TYR A 213 9.67 -7.89 -5.65
C TYR A 213 8.39 -8.33 -6.34
N GLU A 214 8.52 -8.90 -7.53
CA GLU A 214 7.35 -9.34 -8.28
C GLU A 214 6.41 -10.20 -7.46
N GLU A 215 6.96 -11.26 -6.87
CA GLU A 215 6.18 -12.19 -6.08
C GLU A 215 5.43 -11.49 -4.95
N ASP A 216 6.08 -10.53 -4.31
CA ASP A 216 5.43 -9.79 -3.24
C ASP A 216 4.34 -8.89 -3.79
N PHE A 217 4.62 -8.25 -4.92
CA PHE A 217 3.65 -7.36 -5.50
C PHE A 217 2.40 -8.12 -5.88
N LEU A 218 2.56 -9.37 -6.30
CA LEU A 218 1.39 -10.18 -6.66
C LEU A 218 0.51 -10.33 -5.43
N ASP A 219 1.14 -10.56 -4.27
CA ASP A 219 0.38 -10.69 -3.03
C ASP A 219 -0.36 -9.39 -2.72
N TYR A 220 0.31 -8.26 -2.89
CA TYR A 220 -0.30 -6.96 -2.63
C TYR A 220 -1.51 -6.80 -3.54
N VAL A 221 -1.32 -7.13 -4.82
CA VAL A 221 -2.40 -7.02 -5.80
C VAL A 221 -3.60 -7.89 -5.45
N LYS A 222 -3.34 -9.16 -5.13
CA LYS A 222 -4.42 -10.07 -4.76
C LYS A 222 -5.17 -9.58 -3.53
N SER A 223 -4.41 -9.14 -2.52
CA SER A 223 -5.04 -8.64 -1.31
C SER A 223 -5.86 -7.38 -1.60
N ALA A 224 -5.32 -6.48 -2.41
CA ALA A 224 -6.04 -5.26 -2.75
C ALA A 224 -7.35 -5.60 -3.47
N ALA A 225 -7.26 -6.55 -4.40
CA ALA A 225 -8.43 -6.97 -5.16
C ALA A 225 -9.54 -7.44 -4.23
N GLU A 226 -9.16 -8.12 -3.16
CA GLU A 226 -10.14 -8.64 -2.20
C GLU A 226 -10.38 -7.64 -1.06
N GLY A 227 -9.93 -6.41 -1.25
CA GLY A 227 -10.11 -5.38 -0.24
C GLY A 227 -9.45 -5.73 1.08
N ARG A 228 -8.36 -6.48 1.04
CA ARG A 228 -7.66 -6.86 2.26
C ARG A 228 -6.26 -6.25 2.33
N LEU A 229 -5.73 -6.21 3.53
CA LEU A 229 -4.42 -5.64 3.80
C LEU A 229 -3.44 -6.77 4.06
N THR A 230 -2.31 -6.76 3.37
CA THR A 230 -1.33 -7.82 3.61
C THR A 230 -0.04 -7.21 4.13
N VAL A 231 0.86 -8.06 4.62
CA VAL A 231 2.12 -7.59 5.15
C VAL A 231 3.16 -7.44 4.07
N LYS A 232 3.87 -6.32 4.11
CA LYS A 232 4.93 -6.04 3.14
C LYS A 232 5.88 -7.23 3.08
N GLY A 233 5.86 -7.96 4.20
CA GLY A 233 6.66 -9.16 4.49
C GLY A 233 7.23 -9.92 3.30
N ARG B 3 -6.50 17.82 15.20
CA ARG B 3 -6.85 17.41 13.81
C ARG B 3 -5.93 16.30 13.29
N TYR B 4 -5.11 15.71 14.17
CA TYR B 4 -4.23 14.66 13.70
C TYR B 4 -5.04 13.41 13.35
N TYR B 5 -6.34 13.50 13.57
CA TYR B 5 -7.28 12.43 13.25
C TYR B 5 -8.70 12.97 13.42
N VAL B 6 -9.60 12.49 12.57
CA VAL B 6 -11.00 12.90 12.65
C VAL B 6 -11.86 11.66 12.40
N LEU B 7 -12.75 11.37 13.34
CA LEU B 7 -13.61 10.21 13.20
C LEU B 7 -14.68 10.42 12.14
N ASP B 8 -14.72 9.51 11.18
CA ASP B 8 -15.70 9.56 10.12
C ASP B 8 -16.85 8.67 10.57
N LEU B 9 -17.90 9.29 11.09
CA LEU B 9 -19.06 8.56 11.60
C LEU B 9 -20.25 8.66 10.64
N SER B 10 -19.95 8.77 9.35
CA SER B 10 -20.99 8.89 8.34
C SER B 10 -21.57 7.53 7.99
N GLU B 11 -22.78 7.54 7.41
CA GLU B 11 -23.43 6.31 7.01
C GLU B 11 -22.55 5.63 5.98
N ASP B 12 -21.81 6.44 5.23
CA ASP B 12 -20.90 5.92 4.22
C ASP B 12 -19.88 5.03 4.89
N PHE B 13 -19.22 5.56 5.91
CA PHE B 13 -18.22 4.80 6.65
C PHE B 13 -18.84 3.55 7.26
N ARG B 14 -19.95 3.73 7.97
CA ARG B 14 -20.64 2.62 8.60
C ARG B 14 -20.94 1.51 7.60
N ARG B 15 -21.42 1.88 6.42
CA ARG B 15 -21.74 0.90 5.39
C ARG B 15 -20.44 0.32 4.83
N GLU B 16 -19.42 1.17 4.70
CA GLU B 16 -18.13 0.73 4.18
C GLU B 16 -17.52 -0.32 5.11
N LEU B 17 -17.49 -0.02 6.41
CA LEU B 17 -16.93 -0.93 7.40
C LEU B 17 -17.71 -2.23 7.46
N ARG B 18 -19.03 -2.11 7.56
CA ARG B 18 -19.92 -3.25 7.64
C ARG B 18 -19.69 -4.24 6.50
N GLU B 19 -19.41 -3.72 5.31
CA GLU B 19 -19.18 -4.58 4.15
C GLU B 19 -17.92 -5.43 4.30
N THR B 20 -16.90 -4.87 4.93
CA THR B 20 -15.66 -5.60 5.14
C THR B 20 -15.84 -6.66 6.21
N LEU B 21 -16.24 -6.22 7.40
CA LEU B 21 -16.44 -7.12 8.53
C LEU B 21 -17.46 -8.21 8.20
N ALA B 22 -18.25 -7.99 7.15
CA ALA B 22 -19.26 -8.97 6.76
C ALA B 22 -18.61 -10.33 6.47
N GLU B 23 -17.33 -10.31 6.12
CA GLU B 23 -16.62 -11.54 5.81
C GLU B 23 -16.01 -12.20 7.04
N MET B 24 -16.30 -11.66 8.21
CA MET B 24 -15.78 -12.24 9.45
C MET B 24 -16.25 -13.69 9.52
N VAL B 25 -15.41 -14.55 10.09
CA VAL B 25 -15.74 -15.95 10.21
C VAL B 25 -16.12 -16.29 11.65
N ASN B 26 -15.12 -16.31 12.52
CA ASN B 26 -15.37 -16.61 13.92
C ASN B 26 -15.48 -15.35 14.76
N PRO B 27 -16.16 -15.43 15.91
CA PRO B 27 -16.32 -14.27 16.79
C PRO B 27 -14.97 -13.78 17.28
N VAL B 28 -14.85 -12.47 17.43
CA VAL B 28 -13.61 -11.86 17.91
C VAL B 28 -13.96 -10.94 19.06
N GLU B 29 -13.23 -11.08 20.16
CA GLU B 29 -13.45 -10.24 21.34
C GLU B 29 -12.48 -9.06 21.29
N VAL B 30 -12.98 -7.85 21.45
CA VAL B 30 -12.10 -6.71 21.49
C VAL B 30 -12.28 -6.08 22.86
N HIS B 31 -11.16 -5.63 23.44
CA HIS B 31 -11.16 -5.04 24.76
C HIS B 31 -10.68 -3.61 24.72
N VAL B 32 -11.56 -2.69 25.07
CA VAL B 32 -11.25 -1.27 25.06
C VAL B 32 -11.10 -0.72 26.47
N PHE B 33 -9.95 -0.10 26.73
CA PHE B 33 -9.65 0.46 28.05
C PHE B 33 -9.64 1.97 27.98
N LEU B 34 -10.50 2.59 28.81
CA LEU B 34 -10.64 4.03 28.82
C LEU B 34 -10.56 4.61 30.23
N SER B 35 -10.63 5.93 30.31
CA SER B 35 -10.63 6.64 31.59
C SER B 35 -11.55 7.84 31.42
N LYS B 36 -12.26 8.20 32.47
CA LYS B 36 -13.18 9.33 32.42
C LYS B 36 -12.48 10.68 32.52
N SER B 37 -11.20 10.67 32.85
CA SER B 37 -10.44 11.92 32.97
C SER B 37 -9.01 11.79 32.47
N GLY B 38 -8.46 12.91 32.02
CA GLY B 38 -7.09 12.92 31.53
C GLY B 38 -6.89 12.13 30.24
N CYS B 39 -7.97 11.91 29.50
CA CYS B 39 -7.90 11.17 28.25
C CYS B 39 -8.82 11.79 27.22
N GLU B 40 -8.30 12.77 26.49
CA GLU B 40 -9.07 13.47 25.48
C GLU B 40 -9.59 12.61 24.33
N THR B 41 -8.89 11.51 24.02
CA THR B 41 -9.29 10.64 22.91
C THR B 41 -10.08 9.40 23.29
N CYS B 42 -10.34 9.22 24.58
CA CYS B 42 -11.10 8.04 25.01
C CYS B 42 -12.52 8.03 24.48
N GLU B 43 -13.15 9.19 24.43
CA GLU B 43 -14.53 9.26 23.94
C GLU B 43 -14.60 8.87 22.48
N ASP B 44 -13.67 9.37 21.67
CA ASP B 44 -13.66 9.02 20.25
C ASP B 44 -13.35 7.53 20.09
N THR B 45 -12.46 7.02 20.93
CA THR B 45 -12.09 5.61 20.87
C THR B 45 -13.33 4.75 21.06
N LEU B 46 -14.14 5.11 22.05
CA LEU B 46 -15.37 4.37 22.33
C LEU B 46 -16.35 4.48 21.17
N ARG B 47 -16.47 5.67 20.59
CA ARG B 47 -17.36 5.88 19.46
C ARG B 47 -16.93 4.99 18.30
N LEU B 48 -15.65 5.05 17.99
CA LEU B 48 -15.08 4.26 16.90
C LEU B 48 -15.34 2.78 17.10
N MET B 49 -14.99 2.28 18.29
CA MET B 49 -15.17 0.85 18.56
C MET B 49 -16.63 0.42 18.62
N LYS B 50 -17.53 1.29 19.08
CA LYS B 50 -18.95 0.94 19.13
C LYS B 50 -19.41 0.84 17.69
N LEU B 51 -18.86 1.70 16.84
CA LEU B 51 -19.20 1.70 15.43
C LEU B 51 -18.75 0.37 14.84
N PHE B 52 -17.57 -0.09 15.26
CA PHE B 52 -17.04 -1.38 14.78
C PHE B 52 -17.97 -2.52 15.21
N GLU B 53 -18.33 -2.54 16.49
CA GLU B 53 -19.19 -3.59 17.00
C GLU B 53 -20.53 -3.56 16.27
N GLU B 54 -21.08 -2.37 16.14
CA GLU B 54 -22.36 -2.15 15.47
C GLU B 54 -22.37 -2.67 14.04
N GLU B 55 -21.29 -2.40 13.30
CA GLU B 55 -21.21 -2.82 11.91
C GLU B 55 -20.75 -4.26 11.67
N SER B 56 -20.31 -4.94 12.73
CA SER B 56 -19.87 -6.32 12.58
C SER B 56 -21.11 -7.16 12.30
N PRO B 57 -20.94 -8.33 11.69
CA PRO B 57 -22.06 -9.23 11.37
C PRO B 57 -22.66 -9.87 12.61
N THR B 58 -23.95 -10.21 12.52
CA THR B 58 -24.64 -10.88 13.62
C THR B 58 -25.01 -12.25 13.08
N ARG B 59 -24.05 -13.16 13.09
CA ARG B 59 -24.31 -14.50 12.60
C ARG B 59 -24.65 -15.42 13.77
N ASN B 60 -25.49 -16.42 13.50
CA ASN B 60 -25.94 -17.37 14.52
C ASN B 60 -26.65 -16.66 15.67
N GLY B 61 -27.11 -15.45 15.39
CA GLY B 61 -27.78 -14.66 16.41
C GLY B 61 -26.72 -14.25 17.41
N GLY B 62 -25.72 -13.55 16.91
CA GLY B 62 -24.65 -13.14 17.77
C GLY B 62 -23.67 -12.29 16.98
N LYS B 63 -23.36 -11.12 17.54
CA LYS B 63 -22.42 -10.20 16.91
C LYS B 63 -21.03 -10.85 16.86
N LEU B 64 -20.41 -10.86 15.68
CA LEU B 64 -19.09 -11.46 15.56
C LEU B 64 -17.99 -10.67 16.26
N LEU B 65 -18.20 -9.37 16.41
CA LEU B 65 -17.21 -8.54 17.11
C LEU B 65 -17.82 -8.20 18.45
N LYS B 66 -17.31 -8.83 19.51
CA LYS B 66 -17.82 -8.61 20.85
C LYS B 66 -16.99 -7.53 21.54
N LEU B 67 -17.62 -6.38 21.76
CA LEU B 67 -16.97 -5.26 22.40
C LEU B 67 -17.03 -5.27 23.91
N ASN B 68 -15.87 -5.14 24.54
CA ASN B 68 -15.77 -5.12 26.00
C ASN B 68 -15.16 -3.78 26.35
N VAL B 69 -15.83 -3.01 27.22
CA VAL B 69 -15.30 -1.70 27.61
C VAL B 69 -14.96 -1.68 29.10
N TYR B 70 -13.79 -1.15 29.42
CA TYR B 70 -13.35 -1.08 30.81
C TYR B 70 -12.81 0.31 31.11
N TYR B 71 -13.11 0.80 32.32
CA TYR B 71 -12.63 2.10 32.76
C TYR B 71 -11.70 1.89 33.95
N ARG B 72 -10.69 2.73 34.07
CA ARG B 72 -9.71 2.62 35.14
C ARG B 72 -10.24 2.42 36.55
N GLU B 73 -11.11 3.29 37.03
CA GLU B 73 -11.62 3.15 38.39
C GLU B 73 -12.97 2.45 38.49
N SER B 74 -12.99 1.18 38.10
CA SER B 74 -14.19 0.36 38.15
C SER B 74 -13.89 -0.99 37.51
N ASP B 75 -12.80 -1.05 36.76
CA ASP B 75 -12.37 -2.28 36.10
C ASP B 75 -10.88 -2.48 36.28
N SER B 76 -10.37 -2.09 37.44
CA SER B 76 -8.95 -2.18 37.75
C SER B 76 -8.37 -3.58 37.52
N ASP B 77 -9.14 -4.62 37.85
CA ASP B 77 -8.66 -5.98 37.68
C ASP B 77 -8.36 -6.29 36.22
N LYS B 78 -9.22 -5.81 35.32
CA LYS B 78 -9.01 -6.05 33.90
C LYS B 78 -7.79 -5.32 33.38
N PHE B 79 -7.58 -4.09 33.84
CA PHE B 79 -6.41 -3.33 33.42
C PHE B 79 -5.16 -4.11 33.79
N SER B 80 -5.13 -4.64 35.00
CA SER B 80 -3.98 -5.43 35.46
C SER B 80 -3.88 -6.72 34.67
N GLU B 81 -5.03 -7.35 34.43
CA GLU B 81 -5.06 -8.61 33.69
C GLU B 81 -4.46 -8.44 32.31
N PHE B 82 -4.88 -7.39 31.61
CA PHE B 82 -4.39 -7.11 30.26
C PHE B 82 -3.12 -6.27 30.28
N LYS B 83 -2.65 -5.95 31.47
CA LYS B 83 -1.44 -5.15 31.61
C LYS B 83 -1.57 -3.84 30.81
N VAL B 84 -2.63 -3.10 31.08
CA VAL B 84 -2.89 -1.83 30.42
C VAL B 84 -2.60 -0.70 31.41
N GLU B 85 -1.65 0.15 31.06
CA GLU B 85 -1.28 1.28 31.91
C GLU B 85 -1.77 2.58 31.28
N ARG B 86 -1.78 2.63 29.96
CA ARG B 86 -2.20 3.82 29.26
C ARG B 86 -3.54 3.71 28.57
N VAL B 87 -4.22 4.84 28.44
CA VAL B 87 -5.51 4.92 27.78
C VAL B 87 -5.44 6.02 26.73
N PRO B 88 -6.22 5.87 25.65
CA PRO B 88 -7.09 4.72 25.45
C PRO B 88 -6.29 3.55 24.89
N THR B 89 -6.79 2.35 25.09
CA THR B 89 -6.16 1.14 24.58
C THR B 89 -7.22 0.24 23.96
N VAL B 90 -6.92 -0.30 22.79
CA VAL B 90 -7.82 -1.24 22.12
C VAL B 90 -6.98 -2.50 21.96
N ALA B 91 -7.35 -3.54 22.69
CA ALA B 91 -6.59 -4.78 22.66
C ALA B 91 -7.40 -6.01 22.30
N PHE B 92 -6.68 -7.02 21.83
CA PHE B 92 -7.26 -8.29 21.45
C PHE B 92 -6.52 -9.37 22.23
N LEU B 93 -7.02 -10.60 22.14
CA LEU B 93 -6.41 -11.71 22.85
C LEU B 93 -6.33 -11.38 24.34
N GLY B 94 -5.15 -11.54 24.93
CA GLY B 94 -5.00 -11.22 26.33
C GLY B 94 -4.27 -9.91 26.48
N GLY B 95 -4.28 -9.12 25.41
CA GLY B 95 -3.60 -7.83 25.43
C GLY B 95 -2.30 -7.86 24.63
N GLU B 96 -1.94 -9.04 24.09
CA GLU B 96 -0.70 -9.18 23.32
C GLU B 96 -0.75 -8.41 22.00
N VAL B 97 -1.96 -8.14 21.54
CA VAL B 97 -2.17 -7.39 20.32
C VAL B 97 -2.96 -6.17 20.74
N ARG B 98 -2.38 -4.98 20.60
CA ARG B 98 -3.09 -3.79 21.04
C ARG B 98 -2.63 -2.49 20.40
N TRP B 99 -3.50 -1.50 20.49
CA TRP B 99 -3.21 -0.16 20.03
C TRP B 99 -3.21 0.66 21.30
N THR B 100 -2.09 1.33 21.57
CA THR B 100 -2.00 2.19 22.74
C THR B 100 -2.16 3.58 22.13
N GLY B 101 -3.40 4.03 22.12
CA GLY B 101 -3.76 5.30 21.53
C GLY B 101 -4.85 4.93 20.54
N ILE B 102 -5.80 5.83 20.31
CA ILE B 102 -6.90 5.54 19.39
C ILE B 102 -6.44 5.06 18.01
N PRO B 103 -7.00 3.93 17.54
CA PRO B 103 -6.63 3.39 16.23
C PRO B 103 -7.43 4.07 15.12
N ALA B 104 -7.42 5.40 15.12
CA ALA B 104 -8.14 6.19 14.13
C ALA B 104 -7.36 6.34 12.84
N GLY B 105 -7.96 7.08 11.91
CA GLY B 105 -7.31 7.33 10.62
C GLY B 105 -6.92 6.07 9.86
N GLU B 106 -5.70 6.07 9.36
CA GLU B 106 -5.19 4.95 8.61
C GLU B 106 -5.15 3.66 9.43
N GLU B 107 -5.07 3.79 10.75
CA GLU B 107 -5.01 2.60 11.59
C GLU B 107 -6.30 1.79 11.56
N ILE B 108 -7.38 2.42 11.12
CA ILE B 108 -8.65 1.71 11.02
C ILE B 108 -8.44 0.55 10.04
N ARG B 109 -7.59 0.75 9.04
CA ARG B 109 -7.30 -0.29 8.06
C ARG B 109 -6.65 -1.48 8.77
N ALA B 110 -5.69 -1.18 9.62
CA ALA B 110 -4.98 -2.22 10.36
C ALA B 110 -5.91 -2.89 11.35
N LEU B 111 -6.74 -2.10 12.02
CA LEU B 111 -7.68 -2.64 13.00
C LEU B 111 -8.61 -3.64 12.31
N VAL B 112 -9.11 -3.28 11.14
CA VAL B 112 -9.99 -4.18 10.39
C VAL B 112 -9.27 -5.47 10.01
N GLU B 113 -8.09 -5.35 9.41
CA GLU B 113 -7.33 -6.52 8.98
C GLU B 113 -7.02 -7.44 10.15
N VAL B 114 -6.64 -6.84 11.27
CA VAL B 114 -6.31 -7.62 12.46
C VAL B 114 -7.55 -8.39 12.93
N ILE B 115 -8.69 -7.71 12.96
CA ILE B 115 -9.92 -8.36 13.37
C ILE B 115 -10.22 -9.51 12.41
N MET B 116 -10.12 -9.25 11.12
CA MET B 116 -10.40 -10.27 10.11
C MET B 116 -9.51 -11.49 10.26
N ARG B 117 -8.20 -11.27 10.38
CA ARG B 117 -7.29 -12.39 10.52
C ARG B 117 -7.53 -13.21 11.78
N LEU B 118 -7.87 -12.54 12.88
CA LEU B 118 -8.15 -13.28 14.11
C LEU B 118 -9.44 -14.08 13.87
N SER B 119 -10.42 -13.42 13.26
N SER B 119 -10.43 -13.43 13.26
CA SER B 119 -11.70 -14.06 12.97
CA SER B 119 -11.70 -14.10 13.00
C SER B 119 -11.53 -15.26 12.05
C SER B 119 -11.50 -15.29 12.07
N GLU B 120 -10.51 -15.20 11.21
CA GLU B 120 -10.22 -16.28 10.27
C GLU B 120 -9.27 -17.31 10.85
N ASP B 121 -8.76 -17.04 12.04
CA ASP B 121 -7.82 -17.94 12.71
C ASP B 121 -6.59 -18.22 11.84
N GLU B 122 -6.09 -17.17 11.19
CA GLU B 122 -4.92 -17.29 10.32
C GLU B 122 -4.12 -15.99 10.33
N SER B 123 -2.90 -16.05 10.86
CA SER B 123 -2.04 -14.87 10.95
C SER B 123 -1.52 -14.45 9.58
N GLY B 124 -1.47 -15.39 8.65
CA GLY B 124 -0.98 -15.08 7.32
C GLY B 124 0.53 -15.07 7.23
N LEU B 125 1.21 -15.44 8.32
CA LEU B 125 2.67 -15.46 8.34
C LEU B 125 3.21 -16.70 7.64
N GLU B 126 4.48 -16.64 7.25
N GLU B 126 4.49 -16.64 7.26
CA GLU B 126 5.10 -17.77 6.58
CA GLU B 126 5.12 -17.76 6.58
C GLU B 126 5.24 -18.93 7.56
C GLU B 126 5.25 -18.93 7.56
N ASP B 127 5.28 -20.15 7.03
CA ASP B 127 5.41 -21.34 7.86
C ASP B 127 6.65 -21.27 8.75
N ALA B 128 7.75 -20.82 8.17
CA ALA B 128 9.01 -20.71 8.92
C ALA B 128 8.82 -19.75 10.09
N THR B 129 8.06 -18.68 9.87
CA THR B 129 7.82 -17.71 10.91
C THR B 129 6.98 -18.34 12.02
N LYS B 130 5.93 -19.07 11.64
CA LYS B 130 5.07 -19.72 12.62
C LYS B 130 5.86 -20.72 13.46
N GLU B 131 6.74 -21.47 12.81
CA GLU B 131 7.55 -22.45 13.53
C GLU B 131 8.51 -21.78 14.51
N ALA B 132 9.09 -20.65 14.10
CA ALA B 132 10.03 -19.92 14.93
C ALA B 132 9.36 -19.27 16.14
N LEU B 133 8.15 -18.76 15.96
CA LEU B 133 7.43 -18.12 17.05
C LEU B 133 6.93 -19.15 18.05
N LYS B 134 6.67 -20.35 17.56
CA LYS B 134 6.19 -21.43 18.42
C LYS B 134 7.19 -21.74 19.54
N SER B 135 8.47 -21.75 19.20
CA SER B 135 9.51 -22.06 20.16
C SER B 135 10.33 -20.86 20.65
N LEU B 136 9.84 -19.65 20.39
CA LEU B 136 10.52 -18.44 20.82
C LEU B 136 10.60 -18.47 22.34
N LYS B 137 11.75 -18.11 22.92
CA LYS B 137 11.90 -18.16 24.37
C LYS B 137 11.65 -16.88 25.17
N GLY B 138 12.55 -15.91 25.04
CA GLY B 138 12.42 -14.68 25.81
C GLY B 138 11.24 -13.80 25.46
N ARG B 139 10.88 -12.93 26.40
CA ARG B 139 9.77 -12.02 26.18
C ARG B 139 10.18 -10.99 25.13
N VAL B 140 9.22 -10.60 24.31
CA VAL B 140 9.46 -9.63 23.25
C VAL B 140 8.36 -8.58 23.30
N HIS B 141 8.77 -7.33 23.51
CA HIS B 141 7.82 -6.23 23.58
C HIS B 141 8.04 -5.32 22.38
N ILE B 142 7.15 -5.42 21.41
CA ILE B 142 7.25 -4.60 20.21
C ILE B 142 6.45 -3.32 20.40
N GLU B 143 7.10 -2.19 20.15
CA GLU B 143 6.41 -0.92 20.23
C GLU B 143 6.52 -0.33 18.84
N THR B 144 5.42 -0.36 18.10
CA THR B 144 5.42 0.21 16.76
C THR B 144 4.86 1.60 16.93
N ILE B 145 5.75 2.58 16.85
CA ILE B 145 5.41 3.98 17.03
C ILE B 145 4.80 4.53 15.77
N ILE B 146 3.57 5.03 15.90
CA ILE B 146 2.81 5.51 14.76
C ILE B 146 1.97 6.75 15.07
N THR B 147 1.23 7.19 14.06
CA THR B 147 0.30 8.30 14.19
C THR B 147 -0.88 7.83 13.36
N PRO B 148 -2.08 8.37 13.62
CA PRO B 148 -3.25 7.94 12.85
C PRO B 148 -3.20 8.22 11.35
N SER B 149 -2.63 9.37 10.98
N SER B 149 -2.64 9.37 10.98
CA SER B 149 -2.54 9.76 9.58
CA SER B 149 -2.55 9.75 9.57
C SER B 149 -1.45 9.02 8.81
C SER B 149 -1.46 9.00 8.81
N CYS B 150 -0.46 8.52 9.54
CA CYS B 150 0.65 7.80 8.91
C CYS B 150 0.10 6.70 7.99
N PRO B 151 0.28 6.87 6.67
CA PRO B 151 -0.21 5.90 5.69
C PRO B 151 0.49 4.54 5.61
N TYR B 152 1.78 4.50 5.93
CA TYR B 152 2.52 3.26 5.85
C TYR B 152 2.55 2.47 7.17
N CYS B 153 2.28 3.17 8.27
CA CYS B 153 2.28 2.54 9.58
C CYS B 153 1.42 1.28 9.72
N PRO B 154 0.22 1.28 9.09
CA PRO B 154 -0.64 0.09 9.19
C PRO B 154 0.07 -1.22 8.89
N TYR B 155 1.06 -1.18 8.00
CA TYR B 155 1.78 -2.39 7.64
C TYR B 155 2.73 -2.86 8.72
N ALA B 156 3.38 -1.92 9.40
CA ALA B 156 4.29 -2.31 10.47
C ALA B 156 3.43 -2.85 11.61
N VAL B 157 2.29 -2.21 11.84
CA VAL B 157 1.39 -2.62 12.89
C VAL B 157 0.83 -4.00 12.61
N LEU B 158 0.37 -4.23 11.38
CA LEU B 158 -0.18 -5.53 11.04
C LEU B 158 0.88 -6.61 11.25
N LEU B 159 2.09 -6.35 10.77
CA LEU B 159 3.19 -7.29 10.90
C LEU B 159 3.43 -7.65 12.36
N ALA B 160 3.66 -6.62 13.17
CA ALA B 160 3.93 -6.81 14.59
C ALA B 160 2.78 -7.52 15.30
N HIS B 161 1.55 -7.11 15.00
CA HIS B 161 0.39 -7.72 15.60
C HIS B 161 0.23 -9.19 15.23
N MET B 162 0.50 -9.52 13.97
CA MET B 162 0.39 -10.90 13.56
C MET B 162 1.46 -11.76 14.23
N PHE B 163 2.63 -11.18 14.46
CA PHE B 163 3.67 -11.93 15.15
C PHE B 163 3.19 -12.25 16.56
N ALA B 164 2.64 -11.25 17.24
CA ALA B 164 2.14 -11.45 18.60
C ALA B 164 1.00 -12.47 18.59
N TYR B 165 0.09 -12.33 17.63
CA TYR B 165 -1.05 -13.23 17.50
C TYR B 165 -0.61 -14.68 17.21
N GLU B 166 0.33 -14.83 16.28
CA GLU B 166 0.81 -16.17 15.92
C GLU B 166 1.49 -16.85 17.11
N ALA B 167 2.31 -16.09 17.84
CA ALA B 167 2.99 -16.66 19.00
C ALA B 167 1.93 -17.05 20.03
N TRP B 168 0.99 -16.15 20.24
CA TRP B 168 -0.10 -16.36 21.19
C TRP B 168 -0.91 -17.62 20.90
N LYS B 169 -1.37 -17.77 19.67
CA LYS B 169 -2.21 -18.92 19.30
C LYS B 169 -1.50 -20.26 19.39
N GLN B 170 -0.18 -20.25 19.42
CA GLN B 170 0.59 -21.48 19.52
C GLN B 170 0.99 -21.74 20.96
N GLY B 171 0.32 -21.05 21.88
CA GLY B 171 0.61 -21.22 23.30
C GLY B 171 1.93 -20.64 23.72
N ASN B 172 2.38 -19.60 23.02
CA ASN B 172 3.64 -18.97 23.35
C ASN B 172 3.48 -17.46 23.25
N PRO B 173 2.59 -16.89 24.09
CA PRO B 173 2.30 -15.45 24.11
C PRO B 173 3.40 -14.60 24.74
N VAL B 174 4.63 -14.77 24.26
CA VAL B 174 5.75 -14.02 24.81
C VAL B 174 5.94 -12.69 24.09
N ILE B 175 5.14 -12.47 23.06
CA ILE B 175 5.24 -11.22 22.31
C ILE B 175 4.10 -10.28 22.62
N LEU B 176 4.45 -9.06 23.00
CA LEU B 176 3.47 -8.03 23.25
C LEU B 176 3.67 -7.02 22.12
N SER B 177 2.71 -6.99 21.19
CA SER B 177 2.78 -6.06 20.08
C SER B 177 1.89 -4.88 20.42
N GLU B 178 2.53 -3.73 20.61
CA GLU B 178 1.80 -2.53 20.96
C GLU B 178 2.00 -1.44 19.91
N ALA B 179 0.90 -1.00 19.29
CA ALA B 179 0.98 0.06 18.29
C ALA B 179 0.82 1.34 19.12
N VAL B 180 1.94 2.02 19.32
CA VAL B 180 1.95 3.24 20.13
C VAL B 180 1.70 4.50 19.31
N GLU B 181 0.55 5.11 19.52
CA GLU B 181 0.20 6.33 18.81
C GLU B 181 0.97 7.48 19.49
N ALA B 182 1.87 8.08 18.73
CA ALA B 182 2.76 9.14 19.24
C ALA B 182 2.16 10.44 19.79
N TYR B 183 1.04 10.90 19.25
CA TYR B 183 0.45 12.13 19.77
C TYR B 183 -0.09 11.93 21.17
N GLU B 184 -0.64 10.76 21.43
CA GLU B 184 -1.18 10.46 22.74
C GLU B 184 -0.07 9.95 23.65
N ASN B 185 1.04 9.52 23.06
CA ASN B 185 2.16 9.02 23.83
C ASN B 185 3.48 9.60 23.34
N PRO B 186 3.59 10.94 23.34
CA PRO B 186 4.81 11.62 22.89
C PRO B 186 6.07 11.23 23.64
N ASP B 187 5.92 10.83 24.91
CA ASP B 187 7.08 10.45 25.70
C ASP B 187 7.78 9.23 25.12
N ILE B 188 7.00 8.30 24.57
CA ILE B 188 7.58 7.09 23.99
C ILE B 188 8.33 7.45 22.71
N ALA B 189 7.81 8.41 21.96
CA ALA B 189 8.45 8.83 20.73
C ALA B 189 9.80 9.48 21.08
N ASP B 190 9.83 10.27 22.14
CA ASP B 190 11.04 10.95 22.57
C ASP B 190 12.08 9.96 23.10
N LYS B 191 11.60 8.97 23.84
CA LYS B 191 12.47 7.95 24.42
C LYS B 191 13.39 7.35 23.37
N TYR B 192 12.83 7.05 22.21
CA TYR B 192 13.60 6.44 21.13
C TYR B 192 14.12 7.43 20.12
N GLY B 193 13.77 8.70 20.31
CA GLY B 193 14.22 9.72 19.38
C GLY B 193 13.63 9.47 18.01
N VAL B 194 12.34 9.14 17.98
CA VAL B 194 11.64 8.88 16.73
C VAL B 194 11.59 10.11 15.83
N MET B 195 12.15 9.98 14.64
CA MET B 195 12.16 11.08 13.68
C MET B 195 11.03 10.91 12.68
N SER B 196 10.65 9.66 12.44
CA SER B 196 9.57 9.37 11.50
C SER B 196 8.85 8.10 11.90
N VAL B 197 7.62 7.97 11.42
CA VAL B 197 6.82 6.79 11.69
C VAL B 197 6.51 6.10 10.36
N PRO B 198 6.42 4.77 10.38
CA PRO B 198 6.57 3.96 11.58
C PRO B 198 8.02 3.73 12.01
N SER B 199 8.22 3.62 13.32
CA SER B 199 9.52 3.30 13.88
C SER B 199 9.23 2.16 14.82
N ILE B 200 10.07 1.13 14.77
CA ILE B 200 9.83 -0.02 15.62
C ILE B 200 10.91 -0.25 16.64
N ALA B 201 10.50 -0.31 17.90
CA ALA B 201 11.41 -0.58 18.99
C ALA B 201 11.01 -1.95 19.49
N ILE B 202 11.99 -2.73 19.92
CA ILE B 202 11.72 -4.05 20.47
C ILE B 202 12.56 -4.15 21.72
N ASN B 203 11.90 -4.44 22.85
CA ASN B 203 12.57 -4.56 24.13
C ASN B 203 13.37 -3.30 24.48
N GLY B 204 12.80 -2.14 24.20
CA GLY B 204 13.44 -0.88 24.52
C GLY B 204 14.52 -0.36 23.60
N TYR B 205 14.70 -1.01 22.45
CA TYR B 205 15.70 -0.59 21.49
C TYR B 205 15.06 -0.33 20.14
N LEU B 206 15.33 0.83 19.57
CA LEU B 206 14.80 1.14 18.25
C LEU B 206 15.56 0.17 17.34
N VAL B 207 14.84 -0.69 16.63
CA VAL B 207 15.52 -1.65 15.77
C VAL B 207 15.24 -1.44 14.30
N PHE B 208 14.20 -0.67 13.99
CA PHE B 208 13.87 -0.44 12.60
C PHE B 208 13.03 0.80 12.38
N VAL B 209 13.32 1.50 11.28
CA VAL B 209 12.57 2.69 10.92
C VAL B 209 11.96 2.37 9.57
N GLY B 210 10.64 2.29 9.54
CA GLY B 210 9.93 1.95 8.32
C GLY B 210 9.22 0.62 8.53
N VAL B 211 8.92 -0.07 7.43
CA VAL B 211 8.24 -1.36 7.50
C VAL B 211 9.21 -2.43 7.05
N PRO B 212 9.61 -3.34 7.95
CA PRO B 212 10.55 -4.39 7.57
C PRO B 212 9.85 -5.58 6.93
N TYR B 213 10.61 -6.38 6.19
CA TYR B 213 10.07 -7.58 5.59
C TYR B 213 9.90 -8.59 6.72
N GLU B 214 8.93 -9.49 6.57
CA GLU B 214 8.65 -10.49 7.60
C GLU B 214 9.87 -11.25 8.10
N GLU B 215 10.66 -11.79 7.17
CA GLU B 215 11.85 -12.54 7.57
C GLU B 215 12.86 -11.71 8.34
N ASP B 216 13.01 -10.44 7.96
CA ASP B 216 13.94 -9.57 8.68
C ASP B 216 13.40 -9.27 10.07
N PHE B 217 12.11 -8.98 10.14
CA PHE B 217 11.47 -8.69 11.42
C PHE B 217 11.64 -9.88 12.34
N LEU B 218 11.57 -11.09 11.78
CA LEU B 218 11.72 -12.30 12.56
C LEU B 218 13.12 -12.35 13.20
N ASP B 219 14.13 -11.91 12.48
CA ASP B 219 15.48 -11.91 13.03
C ASP B 219 15.54 -10.96 14.23
N TYR B 220 14.91 -9.79 14.09
CA TYR B 220 14.90 -8.81 15.18
C TYR B 220 14.17 -9.39 16.37
N VAL B 221 13.07 -10.08 16.09
CA VAL B 221 12.27 -10.70 17.13
C VAL B 221 13.05 -11.81 17.83
N LYS B 222 13.70 -12.66 17.05
CA LYS B 222 14.49 -13.75 17.61
C LYS B 222 15.62 -13.19 18.48
N SER B 223 16.30 -12.16 17.97
CA SER B 223 17.39 -11.55 18.71
C SER B 223 16.90 -10.93 20.01
N ALA B 224 15.77 -10.25 19.95
CA ALA B 224 15.21 -9.62 21.14
C ALA B 224 14.83 -10.71 22.15
N ALA B 225 14.26 -11.80 21.66
CA ALA B 225 13.86 -12.90 22.53
C ALA B 225 15.10 -13.49 23.20
N GLU B 226 16.17 -13.66 22.43
CA GLU B 226 17.43 -14.20 22.94
C GLU B 226 18.21 -13.20 23.78
N GLY B 227 18.00 -11.92 23.51
CA GLY B 227 18.74 -10.90 24.22
C GLY B 227 20.15 -10.89 23.65
N ARG B 228 20.29 -11.38 22.42
CA ARG B 228 21.59 -11.45 21.76
C ARG B 228 21.57 -10.77 20.39
N LEU B 229 22.74 -10.29 19.98
CA LEU B 229 22.88 -9.62 18.69
C LEU B 229 23.53 -10.57 17.69
N THR B 230 23.01 -10.59 16.48
CA THR B 230 23.57 -11.42 15.42
C THR B 230 23.82 -10.55 14.20
N VAL B 231 25.06 -10.48 13.77
CA VAL B 231 25.40 -9.68 12.60
C VAL B 231 25.60 -10.57 11.38
#